data_8W42
#
_entry.id   8W42
#
_cell.length_a   43.168
_cell.length_b   84.044
_cell.length_c   62.691
_cell.angle_alpha   90.00
_cell.angle_beta   90.00
_cell.angle_gamma   90.00
#
_symmetry.space_group_name_H-M   'P 21 21 2'
#
loop_
_entity.id
_entity.type
_entity.pdbx_description
1 polymer Transthyretin
2 non-polymer RESVERATROL
3 non-polymer 'SODIUM ION'
4 water water
#
_entity_poly.entity_id   1
_entity_poly.type   'polypeptide(L)'
_entity_poly.pdbx_seq_one_letter_code
;MRGSHHHHHHGSMASHRLLLLCLAGLVFVSEAGPTGTGESKCPLMVKVLDAVRGSPAINVAMHVFRKAADDTWEPFASGK
TSESGELHGLTTEEEFVEGIYKVEIDTKSYWKALGISPFHEHAEVVFTANDSGPRRYTIAALLSPYSYSTTAVVTNPKE
;
_entity_poly.pdbx_strand_id   A,B
#
loop_
_chem_comp.id
_chem_comp.type
_chem_comp.name
_chem_comp.formula
NA non-polymer 'SODIUM ION' 'Na 1'
STL non-polymer RESVERATROL 'C14 H12 O3'
#
# COMPACT_ATOMS: atom_id res chain seq x y z
N CYS A 42 10.24 3.19 -21.91
CA CYS A 42 9.54 2.58 -20.80
C CYS A 42 9.80 3.35 -19.50
N PRO A 43 9.03 4.42 -19.27
CA PRO A 43 9.20 5.23 -18.07
C PRO A 43 8.61 4.64 -16.80
N LEU A 44 7.82 3.56 -16.91
CA LEU A 44 7.21 2.95 -15.73
C LEU A 44 7.25 1.44 -15.92
N MET A 45 7.89 0.74 -14.99
CA MET A 45 7.94 -0.72 -14.99
C MET A 45 7.63 -1.19 -13.59
N VAL A 46 6.93 -2.31 -13.48
CA VAL A 46 6.60 -2.91 -12.19
C VAL A 46 7.12 -4.34 -12.16
N LYS A 47 7.80 -4.70 -11.08
CA LYS A 47 8.33 -6.05 -10.90
C LYS A 47 7.78 -6.62 -9.62
N VAL A 48 7.30 -7.85 -9.67
CA VAL A 48 6.63 -8.47 -8.53
C VAL A 48 7.29 -9.82 -8.23
N LEU A 49 7.62 -10.05 -6.97
CA LEU A 49 8.31 -11.25 -6.53
C LEU A 49 7.49 -11.97 -5.46
N ASP A 50 7.63 -13.29 -5.42
CA ASP A 50 6.89 -14.16 -4.54
C ASP A 50 7.86 -14.67 -3.47
N ALA A 51 7.64 -14.26 -2.22
CA ALA A 51 8.51 -14.61 -1.10
C ALA A 51 8.23 -15.99 -0.52
N VAL A 52 7.13 -16.63 -0.91
CA VAL A 52 6.82 -17.97 -0.45
C VAL A 52 7.49 -19.02 -1.32
N ARG A 53 7.42 -18.82 -2.63
CA ARG A 53 7.92 -19.80 -3.58
C ARG A 53 9.31 -19.47 -4.11
N GLY A 54 9.83 -18.27 -3.85
CA GLY A 54 11.15 -17.90 -4.34
C GLY A 54 11.17 -17.79 -5.84
N SER A 55 10.21 -17.06 -6.39
CA SER A 55 10.03 -17.00 -7.83
C SER A 55 9.52 -15.62 -8.19
N PRO A 56 9.62 -15.22 -9.45
CA PRO A 56 8.82 -14.09 -9.91
C PRO A 56 7.35 -14.42 -9.65
N ALA A 57 6.57 -13.38 -9.41
CA ALA A 57 5.12 -13.52 -9.30
C ALA A 57 4.57 -13.32 -10.71
N ILE A 58 4.17 -14.42 -11.34
CA ILE A 58 3.81 -14.46 -12.76
C ILE A 58 2.31 -14.28 -12.90
N ASN A 59 1.90 -13.58 -13.96
CA ASN A 59 0.48 -13.40 -14.27
C ASN A 59 -0.28 -12.66 -13.17
N VAL A 60 0.39 -11.74 -12.50
CA VAL A 60 -0.24 -10.89 -11.50
C VAL A 60 -0.83 -9.68 -12.19
N ALA A 61 -2.12 -9.45 -11.98
CA ALA A 61 -2.80 -8.31 -12.59
C ALA A 61 -2.54 -7.06 -11.76
N MET A 62 -2.49 -5.92 -12.45
CA MET A 62 -2.43 -4.66 -11.73
C MET A 62 -3.07 -3.56 -12.57
N HIS A 63 -3.62 -2.57 -11.87
CA HIS A 63 -4.22 -1.41 -12.49
C HIS A 63 -3.52 -0.16 -12.00
N VAL A 64 -3.26 0.76 -12.92
CA VAL A 64 -2.64 2.04 -12.62
C VAL A 64 -3.69 3.13 -12.81
N PHE A 65 -3.79 4.03 -11.84
CA PHE A 65 -4.70 5.15 -11.89
C PHE A 65 -3.92 6.44 -11.72
N ARG A 66 -4.50 7.53 -12.20
CA ARG A 66 -3.94 8.86 -12.05
C ARG A 66 -5.00 9.76 -11.46
N LYS A 67 -4.62 10.57 -10.48
CA LYS A 67 -5.58 11.42 -9.80
C LYS A 67 -6.02 12.57 -10.71
N ALA A 68 -7.33 12.71 -10.90
CA ALA A 68 -7.88 13.75 -11.75
C ALA A 68 -8.01 15.06 -10.97
N ALA A 69 -8.33 16.14 -11.71
CA ALA A 69 -8.44 17.45 -11.10
C ALA A 69 -9.53 17.49 -10.03
N ASP A 70 -10.54 16.64 -10.15
CA ASP A 70 -11.62 16.57 -9.18
C ASP A 70 -11.34 15.58 -8.05
N ASP A 71 -10.07 15.17 -7.90
CA ASP A 71 -9.61 14.24 -6.87
C ASP A 71 -10.08 12.82 -7.07
N THR A 72 -10.68 12.49 -8.21
CA THR A 72 -11.04 11.11 -8.48
C THR A 72 -9.87 10.37 -9.14
N TRP A 73 -9.89 9.04 -9.02
CA TRP A 73 -8.88 8.20 -9.64
C TRP A 73 -9.32 7.83 -11.05
N GLU A 74 -8.59 8.31 -12.05
CA GLU A 74 -8.87 8.01 -13.44
C GLU A 74 -8.07 6.79 -13.90
N PRO A 75 -8.67 5.85 -14.60
CA PRO A 75 -7.89 4.72 -15.15
C PRO A 75 -6.79 5.24 -16.07
N PHE A 76 -5.59 4.70 -15.88
CA PHE A 76 -4.41 5.13 -16.63
C PHE A 76 -3.81 4.02 -17.47
N ALA A 77 -3.60 2.84 -16.89
CA ALA A 77 -3.06 1.69 -17.61
C ALA A 77 -3.28 0.45 -16.76
N SER A 78 -3.16 -0.71 -17.38
CA SER A 78 -3.22 -1.96 -16.63
C SER A 78 -2.48 -3.06 -17.41
N GLY A 79 -2.24 -4.17 -16.74
CA GLY A 79 -1.60 -5.29 -17.39
C GLY A 79 -1.32 -6.40 -16.39
N LYS A 80 -0.62 -7.43 -16.87
CA LYS A 80 -0.26 -8.57 -16.05
C LYS A 80 1.24 -8.80 -16.16
N THR A 81 1.85 -9.26 -15.06
CA THR A 81 3.27 -9.56 -15.09
C THR A 81 3.58 -10.76 -15.99
N SER A 82 4.79 -10.73 -16.55
CA SER A 82 5.29 -11.78 -17.42
C SER A 82 5.88 -12.93 -16.60
N GLU A 83 6.50 -13.88 -17.29
CA GLU A 83 7.18 -15.00 -16.63
C GLU A 83 8.36 -14.52 -15.79
N SER A 84 8.86 -13.31 -16.03
CA SER A 84 9.92 -12.74 -15.22
C SER A 84 9.38 -11.91 -14.07
N GLY A 85 8.06 -11.86 -13.90
CA GLY A 85 7.46 -11.04 -12.88
C GLY A 85 7.40 -9.58 -13.21
N GLU A 86 7.67 -9.20 -14.46
CA GLU A 86 7.78 -7.81 -14.86
C GLU A 86 6.61 -7.41 -15.75
N LEU A 87 6.19 -6.17 -15.62
CA LEU A 87 5.16 -5.61 -16.49
C LEU A 87 5.77 -4.36 -17.11
N HIS A 88 6.03 -4.43 -18.41
CA HIS A 88 6.63 -3.37 -19.19
C HIS A 88 5.57 -2.76 -20.10
N GLY A 89 5.88 -1.58 -20.64
CA GLY A 89 5.04 -0.98 -21.65
C GLY A 89 3.73 -0.41 -21.16
N LEU A 90 3.62 -0.09 -19.87
CA LEU A 90 2.38 0.48 -19.35
C LEU A 90 2.08 1.84 -19.97
N THR A 91 3.11 2.64 -20.24
CA THR A 91 2.88 4.01 -20.70
C THR A 91 4.05 4.45 -21.58
N THR A 92 3.99 5.71 -22.00
CA THR A 92 5.00 6.33 -22.83
C THR A 92 5.45 7.61 -22.15
N GLU A 93 6.61 8.12 -22.58
CA GLU A 93 7.09 9.39 -22.04
C GLU A 93 6.06 10.50 -22.23
N GLU A 94 5.41 10.53 -23.40
CA GLU A 94 4.47 11.62 -23.68
C GLU A 94 3.24 11.54 -22.79
N GLU A 95 2.75 10.34 -22.52
CA GLU A 95 1.53 10.15 -21.75
C GLU A 95 1.76 10.28 -20.25
N PHE A 96 2.97 9.99 -19.79
CA PHE A 96 3.29 9.88 -18.36
C PHE A 96 3.69 11.25 -17.82
N VAL A 97 2.67 12.10 -17.66
CA VAL A 97 2.84 13.47 -17.20
C VAL A 97 2.98 13.55 -15.69
N GLU A 98 3.32 14.73 -15.18
CA GLU A 98 3.22 14.99 -13.74
C GLU A 98 1.87 14.56 -13.22
N GLY A 99 1.87 13.98 -12.03
CA GLY A 99 0.61 13.69 -11.38
C GLY A 99 0.83 12.77 -10.21
N ILE A 100 -0.27 12.46 -9.53
CA ILE A 100 -0.28 11.45 -8.49
C ILE A 100 -0.81 10.17 -9.09
N TYR A 101 -0.04 9.09 -8.98
CA TYR A 101 -0.40 7.82 -9.59
C TYR A 101 -0.57 6.78 -8.49
N LYS A 102 -1.46 5.84 -8.75
CA LYS A 102 -1.67 4.70 -7.85
C LYS A 102 -1.52 3.43 -8.66
N VAL A 103 -0.65 2.54 -8.21
CA VAL A 103 -0.56 1.19 -8.77
C VAL A 103 -1.21 0.25 -7.77
N GLU A 104 -2.23 -0.48 -8.23
CA GLU A 104 -3.00 -1.39 -7.39
C GLU A 104 -2.74 -2.79 -7.92
N ILE A 105 -2.00 -3.59 -7.16
CA ILE A 105 -1.57 -4.92 -7.60
C ILE A 105 -2.53 -5.93 -7.01
N ASP A 106 -3.13 -6.77 -7.87
CA ASP A 106 -4.12 -7.74 -7.42
C ASP A 106 -3.42 -8.95 -6.79
N THR A 107 -2.93 -8.74 -5.56
CA THR A 107 -2.27 -9.81 -4.83
C THR A 107 -3.26 -10.85 -4.35
N LYS A 108 -4.52 -10.46 -4.13
CA LYS A 108 -5.49 -11.40 -3.60
C LYS A 108 -5.75 -12.55 -4.57
N SER A 109 -6.00 -12.23 -5.85
CA SER A 109 -6.24 -13.30 -6.82
C SER A 109 -5.02 -14.20 -6.97
N TYR A 110 -3.82 -13.61 -6.88
CA TYR A 110 -2.59 -14.38 -6.98
C TYR A 110 -2.51 -15.45 -5.88
N TRP A 111 -2.72 -15.03 -4.63
CA TRP A 111 -2.65 -16.00 -3.53
C TRP A 111 -3.79 -17.00 -3.59
N LYS A 112 -5.00 -16.54 -3.91
CA LYS A 112 -6.14 -17.45 -3.96
C LYS A 112 -5.93 -18.55 -4.99
N ALA A 113 -5.30 -18.22 -6.12
CA ALA A 113 -5.02 -19.23 -7.13
C ALA A 113 -4.04 -20.30 -6.64
N LEU A 114 -3.25 -19.98 -5.62
CA LEU A 114 -2.33 -20.94 -5.02
C LEU A 114 -2.94 -21.64 -3.81
N GLY A 115 -4.22 -21.40 -3.52
CA GLY A 115 -4.88 -22.02 -2.39
C GLY A 115 -4.68 -21.32 -1.07
N ILE A 116 -4.18 -20.09 -1.08
CA ILE A 116 -3.89 -19.34 0.14
C ILE A 116 -4.91 -18.22 0.27
N SER A 117 -5.48 -18.08 1.47
CA SER A 117 -6.35 -16.95 1.77
C SER A 117 -5.50 -15.83 2.35
N PRO A 118 -5.21 -14.80 1.58
CA PRO A 118 -4.25 -13.78 2.02
C PRO A 118 -4.93 -12.68 2.83
N PHE A 119 -4.10 -11.83 3.41
CA PHE A 119 -4.60 -10.75 4.25
C PHE A 119 -5.11 -9.57 3.42
N HIS A 120 -4.31 -9.11 2.45
CA HIS A 120 -4.61 -7.87 1.75
C HIS A 120 -5.53 -8.09 0.57
N GLU A 121 -6.35 -7.07 0.28
CA GLU A 121 -7.13 -7.07 -0.96
C GLU A 121 -6.22 -6.84 -2.15
N HIS A 122 -5.23 -5.98 -1.98
CA HIS A 122 -4.26 -5.67 -3.02
C HIS A 122 -3.09 -5.00 -2.33
N ALA A 123 -1.99 -4.87 -3.05
CA ALA A 123 -0.86 -4.06 -2.62
C ALA A 123 -0.90 -2.79 -3.45
N GLU A 124 -0.85 -1.65 -2.81
CA GLU A 124 -0.95 -0.41 -3.57
C GLU A 124 0.21 0.53 -3.27
N VAL A 125 0.57 1.27 -4.29
CA VAL A 125 1.70 2.18 -4.29
C VAL A 125 1.18 3.50 -4.85
N VAL A 126 1.19 4.55 -4.03
CA VAL A 126 0.68 5.86 -4.44
C VAL A 126 1.82 6.86 -4.34
N PHE A 127 2.07 7.58 -5.43
CA PHE A 127 3.26 8.43 -5.50
C PHE A 127 3.05 9.55 -6.50
N THR A 128 3.75 10.67 -6.27
CA THR A 128 3.83 11.74 -7.24
C THR A 128 4.96 11.43 -8.22
N ALA A 129 4.69 11.58 -9.50
CA ALA A 129 5.67 11.28 -10.54
C ALA A 129 5.96 12.53 -11.35
N ASN A 130 7.23 12.67 -11.76
CA ASN A 130 7.67 13.63 -12.77
C ASN A 130 7.52 15.09 -12.36
N ASP A 131 7.42 15.37 -11.06
CA ASP A 131 7.16 16.77 -10.69
C ASP A 131 8.38 17.66 -10.86
N SER A 132 9.57 17.09 -11.00
CA SER A 132 10.78 17.84 -11.31
C SER A 132 11.30 17.54 -12.72
N GLY A 133 10.42 17.08 -13.61
CA GLY A 133 10.83 16.66 -14.92
C GLY A 133 10.74 15.15 -15.07
N PRO A 134 10.91 14.66 -16.31
CA PRO A 134 10.67 13.24 -16.57
C PRO A 134 11.68 12.37 -15.84
N ARG A 135 11.18 11.29 -15.24
CA ARG A 135 12.00 10.29 -14.60
C ARG A 135 11.51 8.92 -15.05
N ARG A 136 12.39 7.92 -14.90
CA ARG A 136 12.03 6.53 -15.11
C ARG A 136 11.83 5.87 -13.75
N TYR A 137 10.74 5.13 -13.61
CA TYR A 137 10.35 4.53 -12.33
C TYR A 137 10.28 3.03 -12.47
N THR A 138 10.96 2.32 -11.57
CA THR A 138 10.73 0.89 -11.39
C THR A 138 10.12 0.72 -10.01
N ILE A 139 8.92 0.15 -9.98
CA ILE A 139 8.24 -0.17 -8.73
C ILE A 139 8.40 -1.67 -8.51
N ALA A 140 8.94 -2.07 -7.38
CA ALA A 140 9.07 -3.48 -7.06
C ALA A 140 8.22 -3.81 -5.85
N ALA A 141 7.66 -5.01 -5.84
CA ALA A 141 6.83 -5.47 -4.73
C ALA A 141 7.21 -6.91 -4.43
N LEU A 142 7.44 -7.21 -3.15
CA LEU A 142 7.77 -8.55 -2.68
C LEU A 142 6.60 -9.03 -1.82
N LEU A 143 5.97 -10.13 -2.24
CA LEU A 143 4.68 -10.55 -1.70
C LEU A 143 4.77 -11.78 -0.81
N SER A 144 4.08 -11.73 0.32
CA SER A 144 3.78 -12.87 1.18
C SER A 144 2.30 -12.82 1.51
N PRO A 145 1.72 -13.92 1.98
CA PRO A 145 0.28 -13.92 2.24
C PRO A 145 -0.19 -12.85 3.21
N TYR A 146 0.60 -12.53 4.25
CA TYR A 146 0.19 -11.53 5.24
C TYR A 146 1.05 -10.29 5.23
N SER A 147 1.88 -10.09 4.20
CA SER A 147 2.83 -9.00 4.21
C SER A 147 3.21 -8.63 2.79
N TYR A 148 3.56 -7.37 2.58
CA TYR A 148 4.28 -7.02 1.37
C TYR A 148 5.27 -5.91 1.63
N SER A 149 6.29 -5.87 0.80
CA SER A 149 7.31 -4.83 0.82
C SER A 149 7.35 -4.24 -0.57
N THR A 150 7.51 -2.93 -0.64
CA THR A 150 7.57 -2.28 -1.93
C THR A 150 8.62 -1.21 -1.90
N THR A 151 9.31 -1.03 -3.03
CA THR A 151 10.30 0.03 -3.14
C THR A 151 10.21 0.62 -4.54
N ALA A 152 10.88 1.75 -4.73
CA ALA A 152 10.94 2.41 -6.01
C ALA A 152 12.39 2.71 -6.34
N VAL A 153 12.74 2.54 -7.61
CA VAL A 153 14.00 3.00 -8.16
C VAL A 153 13.66 4.09 -9.16
N VAL A 154 14.17 5.30 -8.93
CA VAL A 154 13.84 6.47 -9.73
C VAL A 154 15.14 6.94 -10.35
N THR A 155 15.17 7.01 -11.68
CA THR A 155 16.39 7.36 -12.40
C THR A 155 16.12 8.50 -13.37
N ASN A 156 17.16 9.29 -13.61
CA ASN A 156 17.06 10.40 -14.56
C ASN A 156 17.66 10.00 -15.90
N CYS B 42 -7.70 -5.21 22.14
CA CYS B 42 -7.56 -4.18 21.12
C CYS B 42 -7.86 -4.75 19.74
N PRO B 43 -9.07 -4.48 19.24
CA PRO B 43 -9.45 -5.06 17.94
C PRO B 43 -8.56 -4.64 16.78
N LEU B 44 -8.05 -3.40 16.78
CA LEU B 44 -7.24 -2.90 15.69
C LEU B 44 -6.17 -1.99 16.27
N MET B 45 -4.91 -2.33 16.03
CA MET B 45 -3.78 -1.54 16.47
C MET B 45 -2.84 -1.38 15.29
N VAL B 46 -2.22 -0.22 15.15
CA VAL B 46 -1.24 0.04 14.10
C VAL B 46 0.06 0.45 14.75
N LYS B 47 1.16 -0.16 14.31
CA LYS B 47 2.49 0.14 14.82
C LYS B 47 3.36 0.56 13.66
N VAL B 48 4.08 1.66 13.80
CA VAL B 48 4.86 2.24 12.71
C VAL B 48 6.29 2.44 13.18
N LEU B 49 7.25 1.98 12.37
CA LEU B 49 8.67 2.00 12.69
C LEU B 49 9.42 2.76 11.60
N ASP B 50 10.52 3.38 12.00
CA ASP B 50 11.35 4.21 11.12
C ASP B 50 12.64 3.44 10.87
N ALA B 51 12.84 3.01 9.62
CA ALA B 51 14.00 2.23 9.21
C ALA B 51 15.24 3.08 8.96
N VAL B 52 15.10 4.40 8.93
CA VAL B 52 16.23 5.29 8.74
C VAL B 52 16.89 5.64 10.06
N ARG B 53 16.08 5.91 11.07
CA ARG B 53 16.58 6.34 12.37
C ARG B 53 16.59 5.23 13.41
N GLY B 54 15.97 4.08 13.13
CA GLY B 54 15.96 2.98 14.08
C GLY B 54 15.15 3.30 15.31
N SER B 55 13.92 3.76 15.10
CA SER B 55 13.10 4.27 16.19
C SER B 55 11.64 4.01 15.85
N PRO B 56 10.76 4.06 16.85
CA PRO B 56 9.33 4.18 16.52
C PRO B 56 9.12 5.42 15.67
N ALA B 57 8.12 5.36 14.79
CA ALA B 57 7.71 6.53 14.03
C ALA B 57 6.61 7.22 14.82
N ILE B 58 6.95 8.35 15.45
CA ILE B 58 6.09 9.03 16.41
C ILE B 58 5.30 10.11 15.69
N ASN B 59 4.05 10.34 16.14
CA ASN B 59 3.19 11.39 15.60
C ASN B 59 2.85 11.18 14.13
N VAL B 60 2.76 9.93 13.70
CA VAL B 60 2.37 9.63 12.33
C VAL B 60 0.85 9.56 12.27
N ALA B 61 0.27 10.40 11.43
CA ALA B 61 -1.18 10.47 11.28
C ALA B 61 -1.68 9.40 10.33
N MET B 62 -2.88 8.89 10.60
CA MET B 62 -3.50 7.95 9.68
C MET B 62 -5.02 8.00 9.83
N HIS B 63 -5.70 7.70 8.72
CA HIS B 63 -7.15 7.53 8.72
C HIS B 63 -7.46 6.09 8.31
N VAL B 64 -8.55 5.57 8.86
CA VAL B 64 -9.07 4.26 8.51
C VAL B 64 -10.42 4.45 7.85
N PHE B 65 -10.63 3.77 6.74
CA PHE B 65 -11.88 3.83 6.01
C PHE B 65 -12.44 2.42 5.87
N ARG B 66 -13.75 2.34 5.63
CA ARG B 66 -14.42 1.08 5.37
C ARG B 66 -15.19 1.20 4.07
N LYS B 67 -15.08 0.19 3.21
CA LYS B 67 -15.70 0.26 1.90
C LYS B 67 -17.22 0.18 2.03
N ALA B 68 -17.92 1.11 1.38
CA ALA B 68 -19.37 1.15 1.41
C ALA B 68 -19.94 0.33 0.26
N ALA B 69 -21.26 0.14 0.29
CA ALA B 69 -21.93 -0.66 -0.73
C ALA B 69 -21.76 -0.08 -2.12
N ASP B 70 -21.60 1.24 -2.23
CA ASP B 70 -21.36 1.88 -3.52
C ASP B 70 -19.88 1.92 -3.89
N ASP B 71 -19.05 1.13 -3.20
CA ASP B 71 -17.61 1.04 -3.43
C ASP B 71 -16.86 2.34 -3.11
N THR B 72 -17.50 3.27 -2.40
CA THR B 72 -16.78 4.43 -1.89
C THR B 72 -16.19 4.10 -0.53
N TRP B 73 -15.22 4.92 -0.11
CA TRP B 73 -14.53 4.73 1.16
C TRP B 73 -15.20 5.61 2.21
N GLU B 74 -15.81 4.97 3.21
CA GLU B 74 -16.50 5.66 4.28
C GLU B 74 -15.55 5.86 5.46
N PRO B 75 -15.51 7.05 6.06
CA PRO B 75 -14.65 7.25 7.24
C PRO B 75 -15.01 6.27 8.36
N PHE B 76 -13.99 5.71 9.00
CA PHE B 76 -14.22 4.73 10.06
C PHE B 76 -13.49 5.04 11.36
N ALA B 77 -12.22 5.44 11.31
CA ALA B 77 -11.43 5.71 12.50
C ALA B 77 -10.23 6.53 12.08
N SER B 78 -9.49 7.03 13.07
CA SER B 78 -8.24 7.73 12.77
C SER B 78 -7.48 8.01 14.06
N GLY B 79 -6.26 8.52 13.89
CA GLY B 79 -5.44 8.89 15.02
C GLY B 79 -4.00 9.12 14.60
N LYS B 80 -3.15 9.37 15.60
CA LYS B 80 -1.72 9.57 15.42
C LYS B 80 -0.97 8.59 16.30
N THR B 81 0.18 8.12 15.83
CA THR B 81 0.97 7.20 16.65
C THR B 81 1.56 7.91 17.87
N SER B 82 1.69 7.16 18.95
CA SER B 82 2.24 7.63 20.20
C SER B 82 3.77 7.63 20.15
N GLU B 83 4.39 7.96 21.29
CA GLU B 83 5.84 7.91 21.39
C GLU B 83 6.40 6.51 21.22
N SER B 84 5.55 5.48 21.33
CA SER B 84 5.99 4.12 21.06
C SER B 84 5.77 3.72 19.60
N GLY B 85 5.29 4.64 18.78
CA GLY B 85 4.96 4.32 17.41
C GLY B 85 3.66 3.57 17.24
N GLU B 86 2.83 3.50 18.28
CA GLU B 86 1.62 2.69 18.25
C GLU B 86 0.38 3.57 18.30
N LEU B 87 -0.65 3.11 17.61
CA LEU B 87 -1.95 3.75 17.65
C LEU B 87 -2.96 2.69 18.12
N HIS B 88 -3.44 2.85 19.34
CA HIS B 88 -4.42 1.99 19.96
C HIS B 88 -5.77 2.70 20.01
N GLY B 89 -6.81 1.94 20.32
CA GLY B 89 -8.11 2.53 20.56
C GLY B 89 -8.82 3.05 19.33
N LEU B 90 -8.48 2.54 18.15
CA LEU B 90 -9.13 2.97 16.92
C LEU B 90 -10.61 2.60 16.88
N THR B 91 -10.95 1.42 17.39
CA THR B 91 -12.33 0.94 17.29
C THR B 91 -12.63 0.03 18.49
N THR B 92 -13.85 -0.49 18.51
CA THR B 92 -14.26 -1.45 19.52
C THR B 92 -14.70 -2.73 18.82
N GLU B 93 -14.79 -3.81 19.60
CA GLU B 93 -15.16 -5.09 18.99
C GLU B 93 -16.53 -5.01 18.33
N GLU B 94 -17.50 -4.34 18.97
CA GLU B 94 -18.87 -4.29 18.46
C GLU B 94 -18.96 -3.49 17.16
N GLU B 95 -18.16 -2.44 17.03
CA GLU B 95 -18.21 -1.59 15.84
C GLU B 95 -17.44 -2.18 14.67
N PHE B 96 -16.48 -3.05 14.94
CA PHE B 96 -15.52 -3.52 13.95
C PHE B 96 -16.05 -4.84 13.39
N VAL B 97 -16.86 -4.75 12.34
CA VAL B 97 -17.50 -5.92 11.76
C VAL B 97 -16.94 -6.20 10.38
N GLU B 98 -17.45 -7.22 9.71
CA GLU B 98 -16.96 -7.57 8.38
C GLU B 98 -16.99 -6.37 7.46
N GLY B 99 -15.91 -6.21 6.71
CA GLY B 99 -15.82 -5.20 5.68
C GLY B 99 -14.43 -5.21 5.11
N ILE B 100 -14.27 -4.42 4.06
CA ILE B 100 -12.95 -4.12 3.53
C ILE B 100 -12.53 -2.80 4.14
N TYR B 101 -11.36 -2.80 4.77
CA TYR B 101 -10.86 -1.63 5.48
C TYR B 101 -9.58 -1.15 4.81
N LYS B 102 -9.38 0.15 4.85
CA LYS B 102 -8.18 0.78 4.30
C LYS B 102 -7.57 1.64 5.39
N VAL B 103 -6.33 1.33 5.76
CA VAL B 103 -5.54 2.19 6.65
C VAL B 103 -4.65 3.02 5.76
N GLU B 104 -4.81 4.35 5.81
CA GLU B 104 -4.05 5.27 4.98
C GLU B 104 -3.13 6.07 5.90
N ILE B 105 -1.85 5.77 5.86
CA ILE B 105 -0.85 6.32 6.78
C ILE B 105 -0.14 7.47 6.09
N ASP B 106 -0.16 8.65 6.71
CA ASP B 106 0.46 9.83 6.08
C ASP B 106 1.98 9.81 6.31
N THR B 107 2.64 8.95 5.55
CA THR B 107 4.09 8.84 5.61
C THR B 107 4.76 10.06 5.00
N LYS B 108 4.10 10.74 4.06
CA LYS B 108 4.73 11.87 3.38
C LYS B 108 5.00 13.00 4.37
N SER B 109 4.01 13.33 5.21
CA SER B 109 4.22 14.38 6.20
C SER B 109 5.31 14.00 7.19
N TYR B 110 5.41 12.71 7.52
CA TYR B 110 6.44 12.25 8.45
C TYR B 110 7.83 12.53 7.91
N TRP B 111 8.08 12.14 6.65
CA TRP B 111 9.40 12.37 6.05
C TRP B 111 9.67 13.85 5.82
N LYS B 112 8.64 14.59 5.38
CA LYS B 112 8.85 16.02 5.14
C LYS B 112 9.24 16.74 6.42
N ALA B 113 8.69 16.31 7.57
CA ALA B 113 9.09 16.90 8.84
C ALA B 113 10.57 16.66 9.15
N LEU B 114 11.17 15.63 8.57
CA LEU B 114 12.57 15.31 8.73
C LEU B 114 13.44 15.84 7.59
N GLY B 115 12.87 16.70 6.73
CA GLY B 115 13.63 17.25 5.63
C GLY B 115 13.94 16.28 4.52
N ILE B 116 13.13 15.25 4.36
CA ILE B 116 13.36 14.19 3.38
C ILE B 116 12.21 14.19 2.39
N SER B 117 12.53 14.20 1.10
CA SER B 117 11.50 14.15 0.07
C SER B 117 11.18 12.70 -0.25
N PRO B 118 10.08 12.15 0.23
CA PRO B 118 9.83 10.72 0.07
C PRO B 118 9.15 10.39 -1.26
N PHE B 119 9.10 9.10 -1.54
CA PHE B 119 8.47 8.62 -2.77
C PHE B 119 6.94 8.60 -2.66
N HIS B 120 6.41 8.02 -1.59
CA HIS B 120 4.98 7.73 -1.52
C HIS B 120 4.19 8.92 -0.99
N GLU B 121 2.97 9.07 -1.50
CA GLU B 121 2.03 10.00 -0.89
C GLU B 121 1.59 9.52 0.48
N HIS B 122 1.39 8.22 0.61
CA HIS B 122 1.00 7.60 1.87
C HIS B 122 1.33 6.12 1.76
N ALA B 123 1.27 5.43 2.89
CA ALA B 123 1.30 3.98 2.90
C ALA B 123 -0.10 3.51 3.17
N GLU B 124 -0.61 2.62 2.35
CA GLU B 124 -1.97 2.15 2.60
C GLU B 124 -2.01 0.63 2.66
N VAL B 125 -2.89 0.16 3.53
CA VAL B 125 -3.04 -1.24 3.84
C VAL B 125 -4.53 -1.52 3.68
N VAL B 126 -4.90 -2.34 2.70
CA VAL B 126 -6.30 -2.62 2.37
C VAL B 126 -6.55 -4.11 2.61
N PHE B 127 -7.54 -4.42 3.43
CA PHE B 127 -7.74 -5.81 3.85
C PHE B 127 -9.19 -6.03 4.24
N THR B 128 -9.67 -7.25 4.05
CA THR B 128 -10.93 -7.68 4.63
C THR B 128 -10.72 -8.08 6.08
N ALA B 129 -11.60 -7.65 6.95
CA ALA B 129 -11.52 -7.98 8.37
C ALA B 129 -12.84 -8.57 8.82
N ASN B 130 -12.75 -9.44 9.82
CA ASN B 130 -13.88 -9.99 10.56
C ASN B 130 -14.81 -10.85 9.71
N ASP B 131 -14.36 -11.34 8.56
CA ASP B 131 -15.23 -12.15 7.72
C ASP B 131 -15.55 -13.50 8.35
N SER B 132 -14.73 -13.98 9.28
CA SER B 132 -15.05 -15.19 10.04
C SER B 132 -15.33 -14.84 11.50
N GLY B 133 -15.94 -13.68 11.72
CA GLY B 133 -16.20 -13.17 13.05
C GLY B 133 -15.02 -12.38 13.57
N PRO B 134 -15.16 -11.86 14.79
CA PRO B 134 -14.13 -10.98 15.35
C PRO B 134 -12.75 -11.61 15.36
N ARG B 135 -11.76 -10.78 15.03
CA ARG B 135 -10.36 -11.08 15.26
C ARG B 135 -9.70 -9.81 15.76
N ARG B 136 -8.54 -9.96 16.38
CA ARG B 136 -7.69 -8.82 16.74
C ARG B 136 -6.62 -8.67 15.68
N TYR B 137 -6.42 -7.45 15.21
CA TYR B 137 -5.50 -7.14 14.13
C TYR B 137 -4.43 -6.17 14.63
N THR B 138 -3.17 -6.53 14.43
CA THR B 138 -2.07 -5.58 14.52
C THR B 138 -1.51 -5.40 13.13
N ILE B 139 -1.49 -4.17 12.66
CA ILE B 139 -0.90 -3.81 11.37
C ILE B 139 0.40 -3.11 11.69
N ALA B 140 1.52 -3.61 11.18
CA ALA B 140 2.81 -2.98 11.35
C ALA B 140 3.29 -2.44 10.02
N ALA B 141 3.93 -1.27 10.06
CA ALA B 141 4.50 -0.65 8.87
C ALA B 141 5.90 -0.18 9.18
N LEU B 142 6.87 -0.58 8.35
CA LEU B 142 8.27 -0.19 8.49
C LEU B 142 8.60 0.75 7.34
N LEU B 143 8.96 1.99 7.67
CA LEU B 143 9.03 3.09 6.70
C LEU B 143 10.46 3.46 6.34
N SER B 144 10.70 3.63 5.05
CA SER B 144 11.88 4.28 4.49
C SER B 144 11.42 5.31 3.48
N PRO B 145 12.29 6.26 3.11
CA PRO B 145 11.84 7.30 2.18
C PRO B 145 11.29 6.78 0.86
N TYR B 146 11.90 5.75 0.28
CA TYR B 146 11.45 5.21 -1.00
C TYR B 146 10.84 3.82 -0.89
N SER B 147 10.53 3.36 0.32
CA SER B 147 10.08 1.99 0.47
C SER B 147 9.24 1.87 1.73
N TYR B 148 8.29 0.95 1.71
CA TYR B 148 7.70 0.53 2.96
C TYR B 148 7.39 -0.95 2.93
N SER B 149 7.38 -1.53 4.12
CA SER B 149 7.02 -2.91 4.32
C SER B 149 5.89 -2.94 5.33
N THR B 150 4.93 -3.83 5.12
CA THR B 150 3.84 -3.93 6.06
C THR B 150 3.48 -5.39 6.28
N THR B 151 3.09 -5.73 7.50
CA THR B 151 2.63 -7.07 7.81
C THR B 151 1.46 -6.96 8.76
N ALA B 152 0.73 -8.06 8.88
CA ALA B 152 -0.40 -8.14 9.80
C ALA B 152 -0.20 -9.32 10.72
N VAL B 153 -0.58 -9.14 11.98
CA VAL B 153 -0.72 -10.22 12.94
C VAL B 153 -2.21 -10.30 13.28
N VAL B 154 -2.81 -11.46 13.02
CA VAL B 154 -4.23 -11.66 13.22
C VAL B 154 -4.40 -12.75 14.26
N THR B 155 -5.10 -12.44 15.36
CA THR B 155 -5.27 -13.37 16.46
C THR B 155 -6.75 -13.54 16.81
N ASN B 156 -7.10 -14.73 17.27
CA ASN B 156 -8.47 -15.02 17.63
C ASN B 156 -8.73 -14.61 19.08
C1 STL C . 15.30 -8.08 -8.89
C1 STL C . 11.54 -5.28 -1.76
C2 STL C . 14.94 -6.95 -9.60
C2 STL C . 12.22 -6.14 -0.90
C3 STL C . 14.27 -5.91 -8.97
C3 STL C . 13.25 -6.94 -1.40
C4 STL C . 13.96 -6.00 -7.62
C4 STL C . 13.61 -6.87 -2.75
C5 STL C . 14.32 -7.14 -6.91
C5 STL C . 12.93 -6.00 -3.59
C6 STL C . 15.00 -8.18 -7.54
C6 STL C . 11.90 -5.21 -3.10
C7 STL C . 14.02 -7.24 -5.55
C7 STL C . 13.26 -5.90 -4.95
C8 STL C . 13.19 -6.10 -4.98
C8 STL C . 13.94 -7.10 -5.59
C9 STL C . 12.85 -6.18 -3.63
C9 STL C . 14.24 -6.96 -6.94
C10 STL C . 13.66 -6.90 -2.73
C10 STL C . 14.03 -5.75 -7.59
C11 STL C . 13.29 -6.96 -1.39
C11 STL C . 14.33 -5.61 -8.94
C12 STL C . 12.14 -6.32 -0.93
C12 STL C . 14.84 -6.69 -9.66
C13 STL C . 11.35 -5.61 -1.83
C13 STL C . 15.05 -7.90 -9.02
C14 STL C . 11.71 -5.55 -3.17
C14 STL C . 14.75 -8.04 -7.66
O1 STL C . 11.79 -6.37 0.38
O1 STL C . 15.12 -6.54 -10.98
O2 STL C . 13.91 -4.80 -9.66
O2 STL C . 13.89 -7.79 -0.56
O3 STL C . 15.96 -9.09 -9.53
O3 STL C . 10.54 -4.50 -1.27
C1 STL D . 5.09 -5.51 16.21
C1 STL D . 10.19 -5.70 9.40
C2 STL D . 6.10 -5.16 17.11
C2 STL D . 9.19 -5.49 8.46
C3 STL D . 7.38 -4.88 16.64
C3 STL D . 7.90 -5.22 8.89
C4 STL D . 7.66 -4.97 15.27
C4 STL D . 7.60 -5.16 10.24
C5 STL D . 6.65 -5.32 14.38
C5 STL D . 8.60 -5.37 11.18
C6 STL D . 5.37 -5.59 14.86
C6 STL D . 9.90 -5.64 10.76
C7 STL D . 6.90 -5.39 13.01
C7 STL D . 8.33 -5.31 12.55
C8 STL D . 8.36 -5.32 12.60
C8 STL D . 6.86 -5.43 12.96
C9 STL D . 8.61 -5.39 11.24
C9 STL D . 6.60 -5.36 14.33
C10 STL D . 7.63 -5.09 10.30
C10 STL D . 7.60 -5.01 15.23
C11 STL D . 7.90 -5.17 8.95
C11 STL D . 7.31 -4.95 16.60
C12 STL D . 9.16 -5.57 8.51
C12 STL D . 6.03 -5.25 17.06
C13 STL D . 10.15 -5.87 9.43
C13 STL D . 5.03 -5.60 16.14
C14 STL D . 9.87 -5.78 10.80
C14 STL D . 5.32 -5.65 14.79
O1 STL D . 9.43 -5.65 7.18
O1 STL D . 5.73 -5.20 18.38
O2 STL D . 8.37 -4.55 17.51
O2 STL D . 6.92 -5.02 7.96
O3 STL D . 3.83 -5.79 16.66
O3 STL D . 11.46 -5.97 9.00
NA NA E . -16.89 -16.07 6.40
#